data_4C7I
#
_entry.id   4C7I
#
_cell.length_a   48.641
_cell.length_b   91.056
_cell.length_c   53.596
_cell.angle_alpha   90.00
_cell.angle_beta   113.98
_cell.angle_gamma   90.00
#
_symmetry.space_group_name_H-M   'P 1 21 1'
#
loop_
_entity.id
_entity.type
_entity.pdbx_description
1 polymer 'GLYCYLPEPTIDE N-TETRADECANOYLTRANSFERASE'
2 non-polymer TETRADECANOYL-COA
3 non-polymer 'MAGNESIUM ION'
4 non-polymer N-[(1S)-1-{[(1S)-5-AMINO-1-[(2-CYCLOHEXYLETHYL)CARBAMOYL]PENTYL]CARBAMOYL}-2-HYDROXYETHYL]-10-HYDROXYDECANAMIDE
5 non-polymer 'DIMETHYL SULFOXIDE'
6 water water
#
_entity_poly.entity_id   1
_entity_poly.type   'polypeptide(L)'
_entity_poly.pdbx_seq_one_letter_code
;AHAFWSTQPVPQTEDETEKIVFAGPMDEPKTVADIPEEPYPIASTFEWWTPNMEAADDIHAIYELLRDNYVEDDDSMFRF
NYSEEFLQWALCPPNYIPDWHVAVRRKADKKLLAFIAGVPVTLRMGTPKYMKVKAQEKGEGEEAAKYDEPRHICEINFLC
VHKQLREKRLAPILIKEATRRVNRTNVWQAVYTAGVLLPTPYASGQYFHRSLNPEKLVEIRFSGIPAQYQKFQNPMAMLK
RNYQLPSAPKNSGLREMKPSDVPQVRRILMNYLDSFDVGPVFSDAEISHYLLPRDGVVFTYVVENDKKVTDFFSFYRIPS
TVIGNSNYNLLNAAYVHYYAATSIPLHQLILDLLIVAHSRGFDVCNMVEILDNRSFVEQLKFGAGDGHLRYYFYNWAYPK
IKPSQVALVML
;
_entity_poly.pdbx_strand_id   A
#
# COMPACT_ATOMS: atom_id res chain seq x y z
N ALA A 1 -28.45 -1.19 -4.08
CA ALA A 1 -27.15 -0.69 -4.56
C ALA A 1 -26.04 -1.82 -4.45
N HIS A 2 -25.83 -2.44 -3.27
CA HIS A 2 -24.68 -3.37 -3.03
C HIS A 2 -25.13 -4.68 -2.43
N ALA A 3 -25.37 -5.64 -3.31
CA ALA A 3 -25.95 -6.95 -2.89
C ALA A 3 -24.96 -7.68 -2.00
N PHE A 4 -23.63 -7.47 -2.16
CA PHE A 4 -22.63 -8.13 -1.23
C PHE A 4 -22.29 -7.18 -0.11
N TRP A 5 -21.87 -5.95 -0.38
CA TRP A 5 -21.34 -5.13 0.72
C TRP A 5 -22.43 -4.73 1.73
N SER A 6 -23.73 -4.65 1.32
CA SER A 6 -24.80 -4.44 2.30
C SER A 6 -24.88 -5.61 3.31
N THR A 7 -24.32 -6.74 3.05
CA THR A 7 -24.41 -7.86 4.07
C THR A 7 -23.21 -7.87 5.04
N GLN A 8 -22.28 -6.89 4.90
CA GLN A 8 -20.94 -6.97 5.59
C GLN A 8 -20.91 -5.97 6.64
N PRO A 9 -20.07 -6.20 7.68
CA PRO A 9 -19.93 -5.36 8.88
C PRO A 9 -18.98 -4.22 8.52
N VAL A 10 -19.45 -3.31 7.76
CA VAL A 10 -18.76 -2.07 7.37
C VAL A 10 -19.74 -0.92 7.39
N PRO A 11 -19.36 0.34 7.58
CA PRO A 11 -20.28 1.48 7.54
C PRO A 11 -20.81 1.57 6.13
N GLN A 12 -22.14 1.81 6.03
CA GLN A 12 -22.83 1.71 4.79
C GLN A 12 -22.92 2.98 4.03
N THR A 13 -22.83 4.14 4.66
CA THR A 13 -22.89 5.35 3.89
C THR A 13 -21.93 6.37 4.49
N GLU A 14 -21.65 7.47 3.76
CA GLU A 14 -20.90 8.63 4.29
CA GLU A 14 -20.92 8.61 4.33
C GLU A 14 -21.63 9.22 5.48
N ASP A 15 -22.95 9.26 5.43
CA ASP A 15 -23.67 9.89 6.53
CA ASP A 15 -23.74 9.85 6.53
C ASP A 15 -23.45 9.11 7.83
N GLU A 16 -23.41 7.80 7.72
CA GLU A 16 -23.22 6.92 8.87
C GLU A 16 -21.82 7.14 9.45
N THR A 17 -20.83 7.29 8.56
CA THR A 17 -19.40 7.48 8.88
C THR A 17 -19.19 8.83 9.57
N GLU A 18 -19.96 9.84 9.11
CA GLU A 18 -20.02 11.19 9.72
CA GLU A 18 -19.87 11.13 9.78
C GLU A 18 -20.51 11.16 11.20
N LYS A 19 -21.35 10.19 11.55
CA LYS A 19 -21.95 9.94 12.89
C LYS A 19 -20.98 9.23 13.89
N ILE A 20 -19.94 8.54 13.39
CA ILE A 20 -18.99 7.73 14.25
C ILE A 20 -18.08 8.62 15.07
N VAL A 21 -18.12 8.36 16.39
CA VAL A 21 -17.36 9.17 17.29
C VAL A 21 -16.29 8.32 18.01
N PHE A 22 -16.43 6.97 18.09
CA PHE A 22 -15.37 6.17 18.79
C PHE A 22 -14.92 5.07 17.85
N ALA A 23 -13.65 4.70 17.94
CA ALA A 23 -13.26 3.42 17.32
C ALA A 23 -13.89 2.17 17.96
N GLY A 24 -14.15 1.11 17.20
CA GLY A 24 -14.53 -0.12 17.76
C GLY A 24 -15.19 -1.05 16.74
N PRO A 25 -15.45 -2.28 17.13
CA PRO A 25 -16.06 -3.25 16.15
C PRO A 25 -17.43 -2.90 15.67
N MET A 26 -17.82 -3.49 14.54
CA MET A 26 -19.18 -3.28 13.97
C MET A 26 -19.98 -4.58 14.31
N ASP A 27 -19.47 -5.78 14.16
CA ASP A 27 -20.25 -7.06 14.08
C ASP A 27 -20.59 -7.59 15.44
N GLU A 28 -21.41 -8.66 15.45
CA GLU A 28 -21.62 -9.54 16.65
C GLU A 28 -20.21 -10.03 17.12
N PRO A 29 -19.87 -9.97 18.47
CA PRO A 29 -18.66 -10.67 18.98
C PRO A 29 -18.89 -12.14 18.67
N LYS A 30 -17.96 -12.86 18.01
CA LYS A 30 -18.01 -14.28 17.74
C LYS A 30 -16.82 -14.93 18.22
N THR A 31 -16.85 -16.19 18.22
CA THR A 31 -15.72 -16.93 18.61
C THR A 31 -15.22 -17.84 17.52
N VAL A 32 -13.97 -18.25 17.52
CA VAL A 32 -13.44 -19.17 16.56
C VAL A 32 -14.36 -20.38 16.33
N ALA A 33 -14.82 -20.97 17.48
CA ALA A 33 -15.58 -22.21 17.37
C ALA A 33 -16.96 -22.00 16.60
N ASP A 34 -17.40 -20.76 16.47
CA ASP A 34 -18.63 -20.53 15.74
C ASP A 34 -18.39 -20.51 14.25
N ILE A 35 -17.13 -20.41 13.79
CA ILE A 35 -16.89 -20.21 12.36
C ILE A 35 -16.82 -21.50 11.66
N PRO A 36 -17.37 -21.68 10.47
CA PRO A 36 -17.28 -22.96 9.85
C PRO A 36 -15.92 -23.50 9.70
N GLU A 37 -15.71 -24.77 9.94
CA GLU A 37 -14.42 -25.39 9.71
C GLU A 37 -14.16 -25.82 8.30
N GLU A 38 -15.28 -25.92 7.50
CA GLU A 38 -15.13 -26.30 6.08
C GLU A 38 -15.02 -25.04 5.20
N PRO A 39 -14.24 -25.14 4.12
CA PRO A 39 -14.21 -24.02 3.11
C PRO A 39 -15.56 -23.66 2.56
N TYR A 40 -15.74 -22.39 2.26
CA TYR A 40 -17.03 -21.90 1.68
C TYR A 40 -17.30 -22.68 0.40
N PRO A 41 -18.57 -23.03 0.15
CA PRO A 41 -18.95 -23.73 -1.05
C PRO A 41 -18.52 -22.94 -2.35
N ILE A 42 -18.09 -23.72 -3.33
CA ILE A 42 -17.72 -23.09 -4.64
C ILE A 42 -18.17 -24.12 -5.71
N ALA A 43 -18.43 -23.62 -6.92
CA ALA A 43 -18.98 -24.42 -7.97
C ALA A 43 -18.03 -25.56 -8.29
N SER A 44 -18.57 -26.73 -8.73
CA SER A 44 -17.77 -27.95 -8.82
C SER A 44 -16.61 -27.93 -9.86
N THR A 45 -16.72 -27.00 -10.84
CA THR A 45 -15.64 -26.83 -11.80
C THR A 45 -14.47 -26.04 -11.26
N PHE A 46 -14.57 -25.43 -10.04
CA PHE A 46 -13.45 -24.69 -9.41
C PHE A 46 -12.99 -25.35 -8.20
N GLU A 47 -11.84 -24.98 -7.69
CA GLU A 47 -11.35 -25.51 -6.45
C GLU A 47 -10.59 -24.39 -5.68
N TRP A 48 -10.61 -24.38 -4.41
CA TRP A 48 -9.70 -23.52 -3.63
C TRP A 48 -8.36 -24.05 -3.69
N TRP A 49 -7.38 -23.12 -3.66
CA TRP A 49 -5.92 -23.47 -3.58
C TRP A 49 -5.18 -22.52 -2.70
N THR A 50 -4.31 -23.03 -1.86
CA THR A 50 -3.47 -22.17 -1.02
C THR A 50 -2.13 -22.24 -1.57
N PRO A 51 -1.64 -21.23 -2.32
CA PRO A 51 -0.27 -21.29 -2.95
C PRO A 51 0.78 -21.35 -1.85
N ASN A 52 1.91 -22.03 -2.13
N ASN A 52 1.89 -22.00 -2.17
CA ASN A 52 3.08 -21.89 -1.22
CA ASN A 52 3.01 -22.13 -1.27
C ASN A 52 4.00 -20.77 -1.73
C ASN A 52 3.92 -20.96 -1.63
N MET A 53 4.22 -19.74 -0.93
N MET A 53 3.96 -19.93 -0.81
CA MET A 53 4.60 -18.35 -1.37
CA MET A 53 4.79 -18.82 -1.23
C MET A 53 6.03 -17.87 -1.61
C MET A 53 6.28 -19.03 -1.20
N GLU A 54 6.78 -18.84 -1.19
N GLU A 54 6.71 -20.19 -0.74
CA GLU A 54 8.16 -18.89 -1.13
CA GLU A 54 8.10 -20.46 -0.96
C GLU A 54 8.60 -19.94 -2.11
C GLU A 54 8.41 -21.46 -2.08
N ALA A 55 7.68 -20.63 -2.86
N ALA A 55 7.38 -21.76 -2.90
CA ALA A 55 8.05 -21.63 -3.84
CA ALA A 55 7.47 -22.45 -4.22
C ALA A 55 7.84 -21.02 -5.17
C ALA A 55 7.62 -21.35 -5.39
N ALA A 56 8.79 -21.22 -6.05
CA ALA A 56 8.94 -20.33 -7.24
C ALA A 56 7.86 -20.47 -8.20
N ASP A 57 7.29 -21.69 -8.50
N ASP A 57 7.51 -21.70 -8.55
CA ASP A 57 6.22 -21.82 -9.53
CA ASP A 57 6.42 -21.96 -9.40
C ASP A 57 4.97 -21.27 -9.08
C ASP A 57 5.15 -21.28 -9.05
N ASP A 58 4.72 -21.41 -7.76
CA ASP A 58 3.49 -20.90 -7.19
C ASP A 58 3.46 -19.31 -7.23
N ILE A 59 4.59 -18.78 -6.85
CA ILE A 59 4.77 -17.27 -7.03
CA ILE A 59 4.78 -17.28 -7.03
C ILE A 59 4.63 -16.89 -8.49
N HIS A 60 5.17 -17.72 -9.41
CA HIS A 60 5.03 -17.43 -10.85
C HIS A 60 3.65 -17.44 -11.33
N ALA A 61 2.83 -18.42 -10.82
CA ALA A 61 1.47 -18.46 -11.26
C ALA A 61 0.68 -17.19 -10.84
N ILE A 62 0.90 -16.74 -9.59
CA ILE A 62 0.20 -15.56 -9.11
CA ILE A 62 0.22 -15.55 -9.08
C ILE A 62 0.75 -14.33 -9.94
N TYR A 63 2.11 -14.29 -10.17
CA TYR A 63 2.70 -13.23 -10.98
C TYR A 63 2.02 -13.06 -12.32
N GLU A 64 1.75 -14.20 -13.01
CA GLU A 64 1.11 -14.16 -14.32
CA GLU A 64 1.12 -14.11 -14.35
C GLU A 64 -0.34 -13.65 -14.25
N LEU A 65 -1.10 -14.13 -13.27
CA LEU A 65 -2.46 -13.65 -13.06
C LEU A 65 -2.47 -12.12 -12.92
N LEU A 66 -1.59 -11.61 -12.04
CA LEU A 66 -1.61 -10.15 -11.76
C LEU A 66 -1.01 -9.41 -12.96
N ARG A 67 0.01 -9.92 -13.63
CA ARG A 67 0.57 -9.19 -14.81
C ARG A 67 -0.49 -8.96 -15.81
N ASP A 68 -1.37 -9.97 -16.06
CA ASP A 68 -2.37 -9.87 -17.12
C ASP A 68 -3.72 -9.34 -16.75
N ASN A 69 -4.05 -9.31 -15.43
CA ASN A 69 -5.40 -9.02 -14.95
C ASN A 69 -5.53 -8.06 -13.75
N TYR A 70 -4.40 -7.52 -13.30
CA TYR A 70 -4.50 -6.62 -12.08
C TYR A 70 -4.83 -5.20 -12.50
N VAL A 71 -4.62 -4.23 -11.57
CA VAL A 71 -5.18 -2.86 -11.73
C VAL A 71 -4.49 -2.12 -12.89
N GLU A 72 -5.38 -1.43 -13.62
CA GLU A 72 -5.03 -0.48 -14.67
C GLU A 72 -5.35 0.92 -14.29
N ASP A 73 -4.74 1.93 -14.93
CA ASP A 73 -5.28 3.31 -14.75
C ASP A 73 -6.71 3.30 -15.41
N ASP A 74 -7.38 4.45 -15.24
CA ASP A 74 -8.78 4.56 -15.70
CA ASP A 74 -8.78 4.61 -15.70
C ASP A 74 -8.94 4.54 -17.17
N ASP A 75 -7.88 4.79 -17.91
CA ASP A 75 -7.91 4.76 -19.39
C ASP A 75 -7.33 3.51 -19.97
N SER A 76 -6.99 2.48 -19.16
CA SER A 76 -6.47 1.21 -19.70
C SER A 76 -5.26 1.41 -20.54
N MET A 77 -4.32 2.24 -20.02
CA MET A 77 -3.06 2.48 -20.65
C MET A 77 -1.83 1.82 -20.04
N PHE A 78 -1.96 1.54 -18.72
CA PHE A 78 -0.87 0.99 -17.87
C PHE A 78 -1.50 -0.05 -16.98
N ARG A 79 -0.80 -1.13 -16.75
CA ARG A 79 -1.29 -2.17 -15.76
C ARG A 79 -0.06 -2.49 -14.89
N PHE A 80 -0.29 -2.57 -13.58
CA PHE A 80 0.82 -2.96 -12.71
C PHE A 80 1.46 -4.31 -13.13
N ASN A 81 2.80 -4.39 -12.96
CA ASN A 81 3.52 -5.62 -13.28
C ASN A 81 4.44 -5.92 -12.08
N TYR A 82 3.84 -6.17 -10.92
CA TYR A 82 4.57 -6.57 -9.74
C TYR A 82 5.53 -7.75 -10.02
N SER A 83 6.75 -7.69 -9.60
CA SER A 83 7.68 -8.80 -9.93
C SER A 83 7.46 -9.97 -8.98
N GLU A 84 7.98 -11.12 -9.40
CA GLU A 84 7.97 -12.33 -8.53
C GLU A 84 8.73 -12.05 -7.23
N GLU A 85 9.91 -11.42 -7.27
CA GLU A 85 10.63 -11.10 -6.06
C GLU A 85 9.86 -10.15 -5.14
N PHE A 86 9.14 -9.19 -5.76
CA PHE A 86 8.31 -8.26 -4.99
C PHE A 86 7.21 -9.01 -4.28
N LEU A 87 6.57 -9.96 -5.00
CA LEU A 87 5.42 -10.68 -4.38
C LEU A 87 5.87 -11.61 -3.24
N GLN A 88 7.04 -12.22 -3.37
CA GLN A 88 7.53 -13.06 -2.28
CA GLN A 88 7.56 -13.06 -2.29
C GLN A 88 7.78 -12.17 -1.04
N TRP A 89 8.38 -10.97 -1.24
CA TRP A 89 8.61 -10.02 -0.17
C TRP A 89 7.33 -9.55 0.51
N ALA A 90 6.36 -9.11 -0.32
CA ALA A 90 5.13 -8.53 0.23
C ALA A 90 4.22 -9.56 0.92
N LEU A 91 4.26 -10.76 0.41
CA LEU A 91 3.34 -11.73 1.00
CA LEU A 91 3.38 -11.91 0.79
C LEU A 91 3.90 -12.63 2.07
N CYS A 92 5.19 -12.55 2.34
CA CYS A 92 5.81 -13.40 3.36
C CYS A 92 6.54 -12.58 4.44
N PRO A 93 5.96 -11.64 5.11
CA PRO A 93 6.60 -10.99 6.23
C PRO A 93 6.76 -12.00 7.39
N PRO A 94 7.53 -11.58 8.42
CA PRO A 94 7.68 -12.44 9.64
C PRO A 94 6.31 -12.88 10.21
N ASN A 95 6.28 -14.19 10.52
CA ASN A 95 5.08 -14.80 11.10
C ASN A 95 3.87 -14.73 10.20
N TYR A 96 4.10 -14.60 8.90
CA TYR A 96 2.89 -14.66 7.99
C TYR A 96 2.16 -16.00 8.13
N ILE A 97 0.89 -15.99 7.80
CA ILE A 97 0.03 -17.19 7.87
CA ILE A 97 -0.01 -17.17 7.90
C ILE A 97 -0.22 -17.69 6.49
N PRO A 98 0.34 -18.81 6.07
CA PRO A 98 0.16 -19.27 4.71
C PRO A 98 -1.35 -19.37 4.25
N ASP A 99 -2.19 -19.85 5.15
CA ASP A 99 -3.62 -19.99 4.88
CA ASP A 99 -3.63 -20.00 4.85
C ASP A 99 -4.34 -18.71 4.53
N TRP A 100 -3.79 -17.54 4.88
CA TRP A 100 -4.45 -16.27 4.52
C TRP A 100 -4.23 -15.91 3.07
N HIS A 101 -3.50 -16.59 2.28
CA HIS A 101 -3.27 -16.40 0.80
CA HIS A 101 -3.38 -16.39 0.84
C HIS A 101 -4.28 -17.41 0.17
N VAL A 102 -5.24 -16.87 -0.55
CA VAL A 102 -6.44 -17.67 -1.04
C VAL A 102 -6.51 -17.55 -2.53
N ALA A 103 -6.62 -18.66 -3.27
CA ALA A 103 -6.70 -18.64 -4.73
C ALA A 103 -7.86 -19.57 -5.19
N VAL A 104 -8.39 -19.31 -6.34
CA VAL A 104 -9.36 -20.23 -7.02
C VAL A 104 -8.68 -20.66 -8.25
N ARG A 105 -8.67 -21.99 -8.56
CA ARG A 105 -8.20 -22.56 -9.79
C ARG A 105 -9.35 -23.30 -10.52
N ARG A 106 -9.33 -23.32 -11.81
CA ARG A 106 -10.16 -24.21 -12.51
CA ARG A 106 -10.15 -24.20 -12.55
C ARG A 106 -9.68 -25.66 -12.27
N LYS A 107 -10.59 -26.55 -11.84
CA LYS A 107 -10.22 -27.84 -11.33
CA LYS A 107 -10.16 -27.81 -11.32
C LYS A 107 -9.60 -28.72 -12.44
N ALA A 108 -10.16 -28.60 -13.65
CA ALA A 108 -9.77 -29.42 -14.77
C ALA A 108 -8.27 -29.23 -15.00
N ASP A 109 -7.83 -28.00 -15.29
CA ASP A 109 -6.41 -27.71 -15.75
C ASP A 109 -5.53 -26.95 -14.74
N LYS A 110 -6.10 -26.65 -13.60
CA LYS A 110 -5.41 -25.90 -12.57
C LYS A 110 -5.05 -24.47 -13.07
N LYS A 111 -5.78 -23.97 -14.06
CA LYS A 111 -5.66 -22.49 -14.39
C LYS A 111 -6.05 -21.54 -13.21
N LEU A 112 -5.13 -20.62 -12.79
CA LEU A 112 -5.39 -19.65 -11.73
C LEU A 112 -6.42 -18.68 -12.24
N LEU A 113 -7.55 -18.57 -11.56
CA LEU A 113 -8.66 -17.67 -11.96
C LEU A 113 -8.82 -16.48 -11.05
N ALA A 114 -8.38 -16.58 -9.78
CA ALA A 114 -8.65 -15.46 -8.83
C ALA A 114 -7.72 -15.60 -7.67
N PHE A 115 -7.43 -14.48 -7.00
CA PHE A 115 -6.48 -14.50 -5.84
C PHE A 115 -6.83 -13.37 -4.91
N ILE A 116 -6.55 -13.52 -3.61
CA ILE A 116 -6.54 -12.43 -2.63
C ILE A 116 -5.48 -12.82 -1.62
N ALA A 117 -4.83 -11.82 -1.03
CA ALA A 117 -3.74 -12.07 -0.05
C ALA A 117 -4.04 -11.34 1.22
N GLY A 118 -3.77 -11.99 2.35
CA GLY A 118 -3.79 -11.36 3.65
C GLY A 118 -2.44 -11.55 4.36
N VAL A 119 -1.95 -10.50 5.00
CA VAL A 119 -0.73 -10.65 5.82
C VAL A 119 -1.06 -10.01 7.19
N PRO A 120 -0.28 -10.50 8.24
CA PRO A 120 -0.41 -9.81 9.54
C PRO A 120 0.04 -8.37 9.55
N VAL A 121 -0.60 -7.50 10.29
CA VAL A 121 -0.05 -6.19 10.58
C VAL A 121 -0.50 -5.86 12.01
N THR A 122 0.32 -5.12 12.77
CA THR A 122 -0.07 -4.61 14.12
C THR A 122 -0.36 -3.19 13.92
N LEU A 123 -1.65 -2.79 14.16
CA LEU A 123 -2.02 -1.45 13.73
C LEU A 123 -2.55 -0.65 14.96
N ARG A 124 -2.15 0.56 15.13
CA ARG A 124 -2.83 1.51 16.05
C ARG A 124 -4.03 1.99 15.29
N MET A 125 -5.23 1.76 15.88
CA MET A 125 -6.50 2.04 15.21
C MET A 125 -7.55 2.47 16.28
N GLY A 126 -6.99 3.05 17.39
CA GLY A 126 -7.97 3.63 18.37
C GLY A 126 -8.48 4.98 18.00
N THR A 127 -9.46 5.51 18.75
CA THR A 127 -10.11 6.74 18.44
C THR A 127 -9.12 7.83 18.12
N PRO A 128 -9.32 8.56 17.02
CA PRO A 128 -8.35 9.56 16.68
C PRO A 128 -8.32 10.83 17.53
N LYS A 129 -7.25 11.60 17.41
CA LYS A 129 -7.07 12.72 18.37
C LYS A 129 -8.22 13.67 18.42
N TYR A 130 -8.71 14.10 17.27
CA TYR A 130 -9.78 15.15 17.29
C TYR A 130 -11.01 14.57 17.95
N MET A 131 -11.32 13.30 17.82
CA MET A 131 -12.49 12.72 18.44
C MET A 131 -12.24 12.45 19.89
N LYS A 132 -11.05 12.20 20.36
CA LYS A 132 -10.75 12.07 21.82
C LYS A 132 -10.97 13.41 22.51
N VAL A 133 -10.74 14.49 21.86
CA VAL A 133 -11.03 15.82 22.48
C VAL A 133 -12.51 16.01 22.73
N LYS A 134 -13.33 15.72 21.73
CA LYS A 134 -14.76 15.82 21.92
CA LYS A 134 -14.79 15.74 21.87
C LYS A 134 -15.18 14.89 23.07
N ALA A 135 -14.57 13.73 23.17
CA ALA A 135 -14.94 12.75 24.24
C ALA A 135 -14.65 13.29 25.62
N GLN A 136 -13.54 13.99 25.80
CA GLN A 136 -13.15 14.59 27.06
C GLN A 136 -14.21 15.59 27.45
N GLU A 137 -14.59 16.44 26.49
CA GLU A 137 -15.57 17.52 26.63
C GLU A 137 -16.85 16.89 27.24
N LYS A 138 -17.23 15.72 26.76
CA LYS A 138 -18.51 15.10 27.07
C LYS A 138 -18.48 14.06 28.22
N GLY A 139 -17.34 13.84 28.80
CA GLY A 139 -17.19 12.88 29.86
C GLY A 139 -17.23 11.42 29.39
N GLU A 140 -16.85 11.26 28.12
CA GLU A 140 -16.82 9.90 27.46
C GLU A 140 -15.37 9.45 27.20
N GLY A 141 -14.39 9.85 27.95
CA GLY A 141 -12.99 9.43 27.67
C GLY A 141 -12.85 7.92 27.80
N GLU A 142 -13.50 7.23 28.74
CA GLU A 142 -13.22 5.80 28.89
C GLU A 142 -13.71 5.04 27.58
N GLU A 143 -14.86 5.38 27.07
CA GLU A 143 -15.30 4.64 25.87
CA GLU A 143 -15.48 4.87 25.79
C GLU A 143 -14.43 5.02 24.66
N ALA A 144 -13.92 6.22 24.58
CA ALA A 144 -13.05 6.72 23.46
C ALA A 144 -11.75 5.97 23.57
N ALA A 145 -11.31 5.53 24.72
CA ALA A 145 -9.97 4.88 24.91
C ALA A 145 -10.01 3.38 24.88
N LYS A 146 -11.22 2.83 24.73
CA LYS A 146 -11.33 1.41 24.98
C LYS A 146 -10.50 0.53 24.05
N TYR A 147 -10.32 0.97 22.77
CA TYR A 147 -9.62 0.13 21.78
C TYR A 147 -8.33 0.82 21.38
N ASP A 148 -7.66 1.53 22.33
CA ASP A 148 -6.39 2.11 22.08
C ASP A 148 -5.24 1.21 21.83
N GLU A 149 -5.25 0.03 22.43
CA GLU A 149 -4.11 -0.94 22.31
CA GLU A 149 -4.06 -0.81 22.27
C GLU A 149 -3.87 -1.31 20.81
N PRO A 150 -2.64 -1.32 20.35
CA PRO A 150 -2.40 -1.78 18.89
C PRO A 150 -2.89 -3.17 18.68
N ARG A 151 -3.62 -3.41 17.56
CA ARG A 151 -4.27 -4.70 17.37
C ARG A 151 -3.54 -5.51 16.26
N HIS A 152 -3.52 -6.80 16.44
CA HIS A 152 -2.93 -7.68 15.44
C HIS A 152 -4.06 -8.05 14.52
N ILE A 153 -4.04 -7.53 13.30
CA ILE A 153 -5.15 -7.65 12.32
C ILE A 153 -4.61 -8.22 11.01
N CYS A 154 -5.48 -8.22 10.03
CA CYS A 154 -5.16 -8.69 8.63
C CYS A 154 -5.10 -7.47 7.72
N GLU A 155 -4.00 -7.41 6.94
CA GLU A 155 -3.92 -6.43 5.85
C GLU A 155 -4.09 -7.18 4.54
N ILE A 156 -5.17 -6.77 3.81
CA ILE A 156 -5.52 -7.41 2.50
C ILE A 156 -4.87 -6.67 1.36
N ASN A 157 -4.53 -7.42 0.32
CA ASN A 157 -3.95 -6.79 -0.92
C ASN A 157 -4.13 -7.83 -2.01
N PHE A 158 -3.98 -7.38 -3.29
CA PHE A 158 -3.84 -8.20 -4.45
C PHE A 158 -5.11 -8.98 -4.81
N LEU A 159 -6.29 -8.43 -4.46
CA LEU A 159 -7.54 -9.07 -4.96
C LEU A 159 -7.58 -8.99 -6.47
N CYS A 160 -7.81 -10.10 -7.14
CA CYS A 160 -7.80 -10.08 -8.62
C CYS A 160 -8.64 -11.24 -9.14
N VAL A 161 -9.56 -10.92 -10.02
CA VAL A 161 -10.34 -11.93 -10.82
C VAL A 161 -9.89 -11.85 -12.23
N HIS A 162 -9.63 -13.00 -12.87
CA HIS A 162 -9.23 -13.01 -14.26
C HIS A 162 -10.30 -12.30 -15.14
N LYS A 163 -9.77 -11.54 -16.16
CA LYS A 163 -10.67 -10.77 -17.04
C LYS A 163 -11.86 -11.59 -17.69
N GLN A 164 -11.57 -12.86 -17.91
CA GLN A 164 -12.68 -13.72 -18.48
C GLN A 164 -13.77 -14.08 -17.54
N LEU A 165 -13.53 -13.92 -16.23
CA LEU A 165 -14.50 -14.24 -15.17
CA LEU A 165 -14.46 -14.27 -15.16
C LEU A 165 -15.10 -13.05 -14.52
N ARG A 166 -14.94 -11.86 -15.07
CA ARG A 166 -15.47 -10.67 -14.44
C ARG A 166 -16.96 -10.65 -14.37
N GLU A 167 -17.49 -9.98 -13.36
CA GLU A 167 -18.93 -9.71 -13.10
CA GLU A 167 -18.90 -9.72 -13.29
C GLU A 167 -19.74 -11.02 -13.08
N LYS A 168 -19.16 -12.04 -12.51
CA LYS A 168 -19.84 -13.29 -12.28
C LYS A 168 -19.99 -13.55 -10.79
N ARG A 169 -19.76 -12.51 -9.96
CA ARG A 169 -19.87 -12.62 -8.48
C ARG A 169 -18.85 -13.54 -7.87
N LEU A 170 -17.68 -13.70 -8.52
CA LEU A 170 -16.63 -14.45 -7.87
C LEU A 170 -15.83 -13.68 -6.76
N ALA A 171 -15.76 -12.34 -6.85
CA ALA A 171 -14.99 -11.60 -5.84
C ALA A 171 -15.67 -11.76 -4.50
N PRO A 172 -16.98 -11.69 -4.33
CA PRO A 172 -17.57 -11.91 -2.99
C PRO A 172 -17.26 -13.30 -2.41
N ILE A 173 -17.22 -14.33 -3.24
CA ILE A 173 -16.92 -15.67 -2.70
C ILE A 173 -15.51 -15.69 -2.17
N LEU A 174 -14.57 -15.10 -2.87
CA LEU A 174 -13.18 -15.07 -2.45
CA LEU A 174 -13.16 -15.04 -2.45
C LEU A 174 -13.06 -14.27 -1.17
N ILE A 175 -13.71 -13.12 -1.09
CA ILE A 175 -13.65 -12.28 0.11
C ILE A 175 -14.28 -13.06 1.32
N LYS A 176 -15.38 -13.78 1.13
CA LYS A 176 -15.97 -14.58 2.26
CA LYS A 176 -15.98 -14.59 2.23
C LYS A 176 -15.04 -15.69 2.72
N GLU A 177 -14.39 -16.36 1.80
CA GLU A 177 -13.42 -17.44 2.16
C GLU A 177 -12.21 -16.87 2.87
N ALA A 178 -11.64 -15.76 2.37
CA ALA A 178 -10.55 -15.10 3.18
C ALA A 178 -11.03 -14.68 4.52
N THR A 179 -12.19 -14.10 4.66
CA THR A 179 -12.73 -13.69 5.97
C THR A 179 -12.79 -14.97 6.86
N ARG A 180 -13.32 -16.08 6.38
CA ARG A 180 -13.44 -17.32 7.20
C ARG A 180 -12.05 -17.74 7.68
N ARG A 181 -11.04 -17.79 6.78
CA ARG A 181 -9.69 -18.27 7.20
C ARG A 181 -9.10 -17.30 8.14
N VAL A 182 -9.30 -16.01 8.07
CA VAL A 182 -8.74 -15.07 9.02
C VAL A 182 -9.44 -15.22 10.38
N ASN A 183 -10.79 -15.30 10.39
CA ASN A 183 -11.61 -15.46 11.63
C ASN A 183 -11.24 -16.84 12.27
N ARG A 184 -10.87 -17.85 11.54
CA ARG A 184 -10.49 -19.15 12.20
CA ARG A 184 -10.44 -19.18 12.11
C ARG A 184 -9.19 -18.99 12.95
N THR A 185 -8.43 -17.90 12.70
CA THR A 185 -7.18 -17.62 13.50
C THR A 185 -7.48 -16.56 14.50
N ASN A 186 -8.72 -16.27 14.94
CA ASN A 186 -9.04 -15.35 15.96
C ASN A 186 -8.68 -13.89 15.66
N VAL A 187 -8.81 -13.54 14.35
CA VAL A 187 -8.62 -12.18 13.87
C VAL A 187 -9.93 -11.69 13.23
N TRP A 188 -10.39 -10.52 13.60
CA TRP A 188 -11.72 -10.04 13.29
C TRP A 188 -11.86 -8.72 12.60
N GLN A 189 -10.69 -8.03 12.43
CA GLN A 189 -10.61 -6.83 11.59
C GLN A 189 -9.59 -7.00 10.44
N ALA A 190 -9.86 -6.18 9.43
CA ALA A 190 -8.85 -6.08 8.34
C ALA A 190 -8.77 -4.62 8.00
N VAL A 191 -7.62 -4.31 7.30
CA VAL A 191 -7.45 -3.01 6.70
C VAL A 191 -7.13 -3.29 5.19
N TYR A 192 -7.71 -2.44 4.33
CA TYR A 192 -7.51 -2.59 2.87
C TYR A 192 -7.65 -1.26 2.30
N THR A 193 -7.16 -1.15 1.05
CA THR A 193 -7.19 0.08 0.25
C THR A 193 -7.76 -0.25 -1.11
N ALA A 194 -8.27 0.78 -1.82
CA ALA A 194 -8.69 0.57 -3.23
C ALA A 194 -8.67 1.94 -3.89
N GLY A 195 -8.53 1.90 -5.24
CA GLY A 195 -8.68 3.11 -6.06
C GLY A 195 -10.08 3.47 -6.27
N VAL A 196 -11.02 2.57 -6.05
CA VAL A 196 -12.49 2.78 -6.30
C VAL A 196 -13.18 3.08 -5.00
N LEU A 197 -14.36 3.67 -5.10
CA LEU A 197 -15.15 3.98 -3.91
CA LEU A 197 -15.22 3.96 -3.93
C LEU A 197 -16.09 2.84 -3.57
N LEU A 198 -16.01 2.33 -2.37
CA LEU A 198 -16.79 1.24 -1.85
C LEU A 198 -17.37 1.73 -0.50
N PRO A 199 -18.32 1.00 0.07
CA PRO A 199 -18.78 1.40 1.43
C PRO A 199 -17.72 0.97 2.46
N THR A 200 -17.21 1.91 3.27
CA THR A 200 -17.13 3.36 3.14
C THR A 200 -15.71 3.71 3.65
N PRO A 201 -15.02 4.59 2.94
CA PRO A 201 -13.60 4.86 3.39
C PRO A 201 -13.54 5.65 4.70
N TYR A 202 -12.53 5.42 5.54
CA TYR A 202 -12.28 6.36 6.67
C TYR A 202 -11.29 7.40 6.28
N ALA A 203 -10.60 7.27 5.10
CA ALA A 203 -9.71 8.36 4.65
C ALA A 203 -9.54 8.17 3.13
N SER A 204 -9.22 9.26 2.45
CA SER A 204 -9.00 9.27 0.99
CA SER A 204 -8.94 9.23 1.01
C SER A 204 -7.95 10.29 0.70
N GLY A 205 -7.09 10.04 -0.26
CA GLY A 205 -6.13 11.06 -0.74
C GLY A 205 -5.78 10.91 -2.18
N GLN A 206 -5.26 11.95 -2.81
CA GLN A 206 -4.78 11.83 -4.18
C GLN A 206 -3.39 11.18 -4.26
N TYR A 207 -3.14 10.57 -5.44
CA TYR A 207 -1.79 10.23 -5.88
C TYR A 207 -1.07 11.41 -6.40
N PHE A 208 0.25 11.46 -6.18
CA PHE A 208 1.20 12.49 -6.69
C PHE A 208 2.34 11.81 -7.45
N HIS A 209 2.88 12.49 -8.40
CA HIS A 209 3.87 11.92 -9.30
C HIS A 209 4.97 12.93 -9.52
N ARG A 210 6.24 12.52 -9.39
CA ARG A 210 7.45 13.34 -9.62
C ARG A 210 8.14 12.79 -10.83
N SER A 211 8.13 13.48 -11.95
CA SER A 211 8.76 13.04 -13.16
CA SER A 211 8.77 13.03 -13.18
C SER A 211 10.31 12.99 -13.03
N LEU A 212 10.87 11.84 -13.41
CA LEU A 212 12.34 11.62 -13.36
C LEU A 212 12.85 11.53 -14.75
N ASN A 213 12.11 10.94 -15.67
CA ASN A 213 12.53 10.86 -17.11
C ASN A 213 11.38 11.38 -17.95
N PRO A 214 11.20 12.70 -18.03
CA PRO A 214 10.07 13.27 -18.69
C PRO A 214 9.97 12.90 -20.16
N GLU A 215 11.08 12.74 -20.88
CA GLU A 215 10.90 12.46 -22.30
C GLU A 215 10.17 11.08 -22.45
N LYS A 216 10.53 10.10 -21.70
CA LYS A 216 9.83 8.78 -21.80
C LYS A 216 8.39 8.93 -21.30
N LEU A 217 8.18 9.65 -20.15
CA LEU A 217 6.79 9.76 -19.63
C LEU A 217 5.85 10.35 -20.70
N VAL A 218 6.37 11.38 -21.44
CA VAL A 218 5.60 12.00 -22.52
C VAL A 218 5.40 10.99 -23.69
N GLU A 219 6.45 10.30 -24.04
CA GLU A 219 6.30 9.39 -25.19
C GLU A 219 5.25 8.28 -24.93
N ILE A 220 5.21 7.79 -23.69
CA ILE A 220 4.24 6.71 -23.34
C ILE A 220 2.92 7.38 -22.89
N ARG A 221 2.70 8.66 -22.92
CA ARG A 221 1.48 9.33 -22.48
CA ARG A 221 1.47 9.21 -22.56
C ARG A 221 1.08 9.02 -21.05
N PHE A 222 2.09 8.81 -20.20
CA PHE A 222 1.87 8.92 -18.72
C PHE A 222 1.65 10.35 -18.35
N SER A 223 2.37 11.29 -19.01
CA SER A 223 2.13 12.76 -18.80
CA SER A 223 2.23 12.77 -18.75
C SER A 223 2.24 13.48 -20.13
N GLY A 224 2.01 14.79 -20.13
CA GLY A 224 2.17 15.50 -21.48
C GLY A 224 3.01 16.63 -21.28
N ILE A 225 3.35 17.25 -22.44
CA ILE A 225 3.94 18.55 -22.40
C ILE A 225 2.70 19.44 -22.09
N PRO A 226 2.70 20.01 -20.92
CA PRO A 226 1.58 20.82 -20.43
C PRO A 226 1.43 22.13 -21.27
N ALA A 227 0.16 22.50 -21.51
CA ALA A 227 -0.20 23.60 -22.46
C ALA A 227 0.65 24.86 -22.24
N GLN A 228 0.83 25.26 -20.99
CA GLN A 228 1.78 26.38 -20.60
C GLN A 228 3.18 26.34 -21.25
N TYR A 229 3.69 25.17 -21.52
CA TYR A 229 5.02 25.02 -22.11
C TYR A 229 4.92 25.52 -23.58
N GLN A 230 3.71 25.82 -24.10
CA GLN A 230 3.64 26.15 -25.60
C GLN A 230 4.15 27.59 -25.89
N LYS A 231 4.22 28.41 -24.84
CA LYS A 231 4.91 29.74 -24.93
C LYS A 231 6.41 29.69 -25.26
N PHE A 232 6.99 28.49 -25.15
CA PHE A 232 8.44 28.29 -25.39
C PHE A 232 8.67 27.79 -26.79
N GLN A 233 9.79 28.23 -27.34
CA GLN A 233 10.16 27.78 -28.67
C GLN A 233 10.37 26.25 -28.64
N ASN A 234 10.92 25.75 -27.55
CA ASN A 234 11.21 24.30 -27.49
C ASN A 234 10.56 23.65 -26.23
N PRO A 235 9.29 23.30 -26.34
CA PRO A 235 8.62 22.86 -25.10
C PRO A 235 9.35 21.70 -24.37
N MET A 236 9.84 20.65 -25.07
CA MET A 236 10.51 19.46 -24.36
CA MET A 236 10.46 19.52 -24.44
C MET A 236 11.81 19.79 -23.75
N ALA A 237 12.57 20.73 -24.29
CA ALA A 237 13.72 20.77 -23.48
C ALA A 237 13.78 21.58 -22.25
N MET A 238 12.80 22.45 -22.25
CA MET A 238 12.47 23.15 -21.07
C MET A 238 12.04 22.04 -20.07
N LEU A 239 11.31 21.02 -20.51
CA LEU A 239 10.63 20.14 -19.53
C LEU A 239 11.76 19.31 -18.92
N LYS A 240 12.73 18.83 -19.70
CA LYS A 240 13.86 18.18 -19.13
C LYS A 240 14.69 18.97 -18.08
N ARG A 241 14.94 20.26 -18.42
CA ARG A 241 15.58 21.14 -17.53
C ARG A 241 14.78 21.29 -16.20
N ASN A 242 13.45 21.45 -16.34
CA ASN A 242 12.61 21.60 -15.17
C ASN A 242 12.81 20.47 -14.11
N TYR A 243 12.90 19.23 -14.65
CA TYR A 243 12.92 18.06 -13.76
C TYR A 243 14.27 17.49 -13.47
N GLN A 244 15.35 18.17 -14.04
CA GLN A 244 16.73 17.71 -13.81
CA GLN A 244 16.72 17.71 -13.84
C GLN A 244 17.13 17.62 -12.33
N LEU A 245 17.93 16.61 -12.00
CA LEU A 245 18.34 16.33 -10.67
C LEU A 245 19.89 16.14 -10.57
N PRO A 246 20.45 16.35 -9.38
CA PRO A 246 21.87 16.07 -9.20
C PRO A 246 22.17 14.63 -9.53
N SER A 247 23.43 14.36 -9.88
CA SER A 247 23.88 13.02 -10.25
C SER A 247 24.22 12.24 -8.99
N ALA A 248 24.40 12.88 -7.83
CA ALA A 248 24.78 12.27 -6.56
C ALA A 248 24.06 12.87 -5.39
N PRO A 249 23.78 12.13 -4.32
CA PRO A 249 23.10 12.64 -3.16
C PRO A 249 23.76 13.84 -2.55
N LYS A 250 23.03 14.71 -1.88
CA LYS A 250 23.59 15.93 -1.25
C LYS A 250 23.85 15.73 0.20
N ASN A 251 23.17 14.90 0.98
CA ASN A 251 23.51 14.68 2.35
C ASN A 251 24.74 13.81 2.51
N SER A 252 25.91 14.32 3.00
N SER A 252 25.76 14.55 2.97
CA SER A 252 27.16 13.52 3.01
CA SER A 252 26.76 14.00 3.79
C SER A 252 27.20 12.18 3.86
C SER A 252 26.05 13.32 4.95
N GLY A 253 26.40 12.12 4.87
CA GLY A 253 26.19 10.99 5.81
C GLY A 253 25.26 9.92 5.21
N LEU A 254 24.69 10.12 3.99
CA LEU A 254 23.78 9.09 3.46
C LEU A 254 24.54 7.88 2.97
N ARG A 255 23.95 6.71 3.27
CA ARG A 255 24.47 5.44 2.78
C ARG A 255 23.29 4.40 2.72
N GLU A 256 23.46 3.26 2.08
CA GLU A 256 22.42 2.21 2.16
CA GLU A 256 22.43 2.18 2.12
C GLU A 256 22.31 1.66 3.54
N MET A 257 21.14 1.27 3.96
CA MET A 257 20.87 0.64 5.23
C MET A 257 21.49 -0.79 5.25
N LYS A 258 22.04 -1.07 6.41
CA LYS A 258 22.57 -2.45 6.61
CA LYS A 258 22.68 -2.37 6.81
C LYS A 258 21.91 -3.02 7.89
N PRO A 259 22.12 -4.38 8.11
CA PRO A 259 21.47 -5.01 9.21
C PRO A 259 21.68 -4.39 10.57
N SER A 260 22.92 -3.92 10.86
CA SER A 260 23.12 -3.34 12.18
C SER A 260 22.33 -2.02 12.45
N ASP A 261 21.76 -1.38 11.42
CA ASP A 261 20.93 -0.22 11.57
C ASP A 261 19.56 -0.53 12.08
N VAL A 262 19.12 -1.77 12.10
CA VAL A 262 17.68 -2.10 12.33
C VAL A 262 17.22 -1.52 13.64
N PRO A 263 17.89 -1.63 14.80
CA PRO A 263 17.27 -1.08 16.02
C PRO A 263 17.16 0.47 15.99
N GLN A 264 18.10 1.13 15.41
CA GLN A 264 18.01 2.58 15.37
C GLN A 264 16.88 3.03 14.43
N VAL A 265 16.77 2.41 13.26
CA VAL A 265 15.68 2.75 12.30
C VAL A 265 14.39 2.40 12.98
N ARG A 266 14.24 1.33 13.69
CA ARG A 266 12.96 1.04 14.35
CA ARG A 266 12.97 1.04 14.33
C ARG A 266 12.57 2.18 15.33
N ARG A 267 13.56 2.58 16.12
CA ARG A 267 13.32 3.59 17.14
CA ARG A 267 13.23 3.56 17.16
C ARG A 267 12.84 4.92 16.49
N ILE A 268 13.56 5.43 15.54
CA ILE A 268 13.19 6.72 14.93
C ILE A 268 11.94 6.66 14.13
N LEU A 269 11.68 5.52 13.45
CA LEU A 269 10.42 5.37 12.74
C LEU A 269 9.29 5.31 13.69
N MET A 270 9.35 4.46 14.72
CA MET A 270 8.23 4.34 15.67
C MET A 270 7.93 5.68 16.36
N ASN A 271 8.97 6.38 16.72
CA ASN A 271 8.71 7.66 17.37
CA ASN A 271 8.80 7.71 17.32
C ASN A 271 8.02 8.62 16.41
N TYR A 272 8.40 8.64 15.12
CA TYR A 272 7.74 9.52 14.12
C TYR A 272 6.30 9.09 13.89
N LEU A 273 6.05 7.83 13.72
CA LEU A 273 4.71 7.38 13.34
C LEU A 273 3.66 7.60 14.46
N ASP A 274 4.12 7.69 15.72
CA ASP A 274 3.23 8.10 16.86
C ASP A 274 2.51 9.42 16.64
N SER A 275 2.93 10.27 15.79
CA SER A 275 2.21 11.48 15.54
CA SER A 275 2.29 11.50 15.43
C SER A 275 0.97 11.33 14.64
N PHE A 276 0.66 10.10 14.16
CA PHE A 276 -0.49 9.90 13.25
C PHE A 276 -1.54 9.10 13.90
N ASP A 277 -2.80 9.26 13.54
CA ASP A 277 -3.89 8.50 14.20
C ASP A 277 -3.88 7.06 13.88
N VAL A 278 -3.65 6.67 12.61
CA VAL A 278 -3.64 5.24 12.21
C VAL A 278 -2.23 4.88 11.69
N GLY A 279 -1.61 3.87 12.27
CA GLY A 279 -0.24 3.56 11.77
C GLY A 279 0.19 2.21 12.28
N PRO A 280 1.19 1.60 11.64
CA PRO A 280 1.70 0.31 12.02
C PRO A 280 2.73 0.38 13.18
N VAL A 281 2.79 -0.74 13.85
CA VAL A 281 3.82 -0.93 14.94
C VAL A 281 4.68 -2.05 14.41
N PHE A 282 5.99 -1.85 14.26
CA PHE A 282 6.88 -2.89 13.69
C PHE A 282 7.95 -3.35 14.71
N SER A 283 8.11 -4.68 14.78
CA SER A 283 9.20 -5.30 15.58
C SER A 283 10.50 -5.11 14.88
N ASP A 284 11.62 -5.44 15.53
CA ASP A 284 12.90 -5.47 14.79
C ASP A 284 12.86 -6.40 13.55
N ALA A 285 12.21 -7.61 13.66
CA ALA A 285 12.17 -8.52 12.49
C ALA A 285 11.33 -7.90 11.38
N GLU A 286 10.25 -7.16 11.70
CA GLU A 286 9.45 -6.53 10.62
C GLU A 286 10.18 -5.31 10.02
N ILE A 287 10.92 -4.52 10.83
CA ILE A 287 11.77 -3.50 10.22
C ILE A 287 12.79 -4.12 9.26
N SER A 288 13.48 -5.18 9.69
CA SER A 288 14.42 -5.93 8.84
CA SER A 288 14.43 -5.82 8.84
C SER A 288 13.77 -6.32 7.52
N HIS A 289 12.64 -6.99 7.63
CA HIS A 289 11.97 -7.49 6.45
C HIS A 289 11.52 -6.35 5.49
N TYR A 290 10.84 -5.35 6.04
CA TYR A 290 10.25 -4.33 5.15
C TYR A 290 11.27 -3.30 4.70
N LEU A 291 12.41 -3.15 5.36
CA LEU A 291 13.31 -2.03 5.06
C LEU A 291 14.69 -2.42 4.58
N LEU A 292 15.20 -3.64 4.92
CA LEU A 292 16.56 -3.90 4.39
C LEU A 292 16.55 -3.99 2.90
N PRO A 293 17.54 -3.41 2.18
CA PRO A 293 17.55 -3.43 0.74
C PRO A 293 17.39 -4.79 0.15
N ARG A 294 16.59 -4.90 -0.90
CA ARG A 294 16.47 -6.11 -1.72
C ARG A 294 16.48 -5.67 -3.20
N ASP A 295 17.44 -6.20 -4.04
CA ASP A 295 17.64 -5.70 -5.37
C ASP A 295 16.38 -5.85 -6.18
N GLY A 296 16.10 -4.74 -6.86
CA GLY A 296 14.89 -4.72 -7.74
C GLY A 296 13.55 -4.52 -6.97
N VAL A 297 13.57 -4.47 -5.62
CA VAL A 297 12.31 -4.51 -4.85
C VAL A 297 12.25 -3.31 -3.91
N VAL A 298 13.13 -3.19 -2.94
CA VAL A 298 13.04 -2.15 -1.93
C VAL A 298 14.42 -1.60 -1.75
N PHE A 299 14.48 -0.29 -1.52
CA PHE A 299 15.76 0.50 -1.53
C PHE A 299 15.64 1.37 -0.28
N THR A 300 16.64 1.35 0.63
CA THR A 300 16.59 2.09 1.88
C THR A 300 17.93 2.69 2.18
N TYR A 301 17.93 3.99 2.56
CA TYR A 301 19.15 4.76 2.85
C TYR A 301 18.99 5.39 4.14
N VAL A 302 20.12 5.50 4.90
CA VAL A 302 20.14 6.20 6.19
C VAL A 302 21.15 7.36 6.09
N VAL A 303 20.80 8.37 6.93
CA VAL A 303 21.80 9.44 7.17
C VAL A 303 22.41 9.12 8.58
N GLU A 304 23.74 8.95 8.47
CA GLU A 304 24.49 8.66 9.69
C GLU A 304 25.36 9.86 10.05
N ASN A 305 25.17 10.32 11.27
CA ASN A 305 25.94 11.46 11.87
C ASN A 305 26.54 10.91 13.19
N ASP A 306 27.88 10.98 13.27
CA ASP A 306 28.65 10.67 14.54
C ASP A 306 28.31 9.22 15.00
N LYS A 307 28.22 8.41 13.92
CA LYS A 307 27.96 6.95 14.05
C LYS A 307 26.63 6.58 14.57
N LYS A 308 25.64 7.54 14.47
CA LYS A 308 24.23 7.33 14.82
CA LYS A 308 24.25 7.25 14.76
C LYS A 308 23.34 7.60 13.60
N VAL A 309 22.37 6.72 13.45
CA VAL A 309 21.34 6.90 12.35
C VAL A 309 20.41 8.01 12.85
N THR A 310 20.35 9.14 12.11
CA THR A 310 19.46 10.23 12.51
C THR A 310 18.23 10.40 11.53
N ASP A 311 18.37 9.86 10.33
CA ASP A 311 17.24 10.05 9.35
C ASP A 311 17.33 8.81 8.52
N PHE A 312 16.23 8.52 7.74
CA PHE A 312 16.31 7.48 6.70
C PHE A 312 15.11 7.70 5.76
N PHE A 313 15.27 7.06 4.57
CA PHE A 313 14.05 6.99 3.66
C PHE A 313 14.14 5.64 2.96
N SER A 314 12.98 5.22 2.44
CA SER A 314 12.86 3.93 1.70
C SER A 314 11.95 4.18 0.50
N PHE A 315 12.15 3.39 -0.57
CA PHE A 315 11.22 3.38 -1.71
C PHE A 315 11.16 1.98 -2.27
N TYR A 316 10.01 1.64 -2.88
CA TYR A 316 9.90 0.31 -3.49
C TYR A 316 9.58 0.44 -4.99
N ARG A 317 9.86 -0.62 -5.74
CA ARG A 317 9.75 -0.63 -7.20
C ARG A 317 8.52 -1.39 -7.65
N ILE A 318 7.65 -0.75 -8.49
CA ILE A 318 6.58 -1.54 -9.16
C ILE A 318 6.58 -1.08 -10.60
N PRO A 319 7.09 -1.86 -11.54
CA PRO A 319 6.90 -1.50 -12.89
C PRO A 319 5.46 -1.62 -13.34
N SER A 320 5.08 -0.92 -14.41
CA SER A 320 3.78 -1.12 -15.08
C SER A 320 4.02 -1.47 -16.54
N THR A 321 3.23 -2.39 -17.06
CA THR A 321 3.20 -2.61 -18.54
C THR A 321 2.56 -1.41 -19.16
N VAL A 322 3.20 -0.95 -20.27
CA VAL A 322 2.66 0.09 -21.12
C VAL A 322 1.89 -0.66 -22.22
N ILE A 323 0.64 -0.48 -22.26
CA ILE A 323 -0.21 -1.28 -23.22
C ILE A 323 0.02 -0.55 -24.65
N GLY A 324 0.88 -1.03 -25.65
CA GLY A 324 0.89 -0.57 -27.08
C GLY A 324 1.86 0.52 -27.58
N ASN A 325 2.98 0.73 -26.90
CA ASN A 325 3.81 1.79 -27.37
C ASN A 325 5.02 1.12 -28.13
N SER A 326 5.39 1.73 -29.27
CA SER A 326 6.43 1.07 -30.11
C SER A 326 7.84 1.21 -29.60
N ASN A 327 8.03 2.13 -28.66
CA ASN A 327 9.37 2.39 -28.14
C ASN A 327 9.60 1.78 -26.76
N TYR A 328 8.51 1.63 -25.95
CA TYR A 328 8.73 1.12 -24.60
C TYR A 328 7.63 0.18 -24.16
N ASN A 329 8.05 -0.86 -23.44
CA ASN A 329 7.16 -1.87 -22.89
C ASN A 329 6.79 -1.62 -21.43
N LEU A 330 7.66 -0.93 -20.75
CA LEU A 330 7.58 -0.84 -19.23
C LEU A 330 7.77 0.55 -18.74
N LEU A 331 7.02 0.96 -17.72
CA LEU A 331 7.15 2.17 -16.94
C LEU A 331 7.84 1.75 -15.61
N ASN A 332 9.00 2.33 -15.27
CA ASN A 332 9.73 1.87 -14.12
C ASN A 332 9.45 2.87 -12.99
N ALA A 333 8.57 2.55 -12.04
CA ALA A 333 8.16 3.51 -10.99
C ALA A 333 8.68 3.17 -9.65
N ALA A 334 9.11 4.21 -8.92
CA ALA A 334 9.49 4.16 -7.51
C ALA A 334 8.41 4.74 -6.64
N TYR A 335 8.09 4.15 -5.55
CA TYR A 335 7.00 4.55 -4.63
C TYR A 335 7.56 4.88 -3.31
N VAL A 336 7.21 6.05 -2.74
CA VAL A 336 7.73 6.49 -1.42
C VAL A 336 7.23 5.54 -0.37
N HIS A 337 8.18 5.03 0.40
CA HIS A 337 7.88 4.09 1.48
C HIS A 337 8.11 4.80 2.85
N TYR A 338 8.37 4.12 3.92
CA TYR A 338 8.59 4.80 5.20
C TYR A 338 9.84 5.65 5.19
N TYR A 339 9.81 6.64 6.06
CA TYR A 339 10.93 7.58 6.23
C TYR A 339 10.77 8.18 7.65
N ALA A 340 11.96 8.83 8.03
CA ALA A 340 11.89 9.68 9.32
C ALA A 340 13.04 10.63 9.19
N ALA A 341 12.75 11.91 9.49
CA ALA A 341 13.78 12.96 9.50
C ALA A 341 13.88 13.57 10.89
N THR A 342 15.12 13.59 11.40
CA THR A 342 15.35 14.30 12.71
C THR A 342 16.44 15.34 12.56
N SER A 343 17.30 15.39 11.58
CA SER A 343 18.41 16.35 11.48
C SER A 343 18.28 17.35 10.40
N ILE A 344 17.33 17.16 9.48
CA ILE A 344 17.19 17.99 8.27
C ILE A 344 15.72 18.10 7.93
N PRO A 345 15.37 19.12 7.11
CA PRO A 345 13.99 19.22 6.71
C PRO A 345 13.61 17.97 5.84
N LEU A 346 12.36 17.62 5.91
CA LEU A 346 11.92 16.48 5.08
C LEU A 346 12.17 16.69 3.65
N HIS A 347 11.95 17.91 3.06
CA HIS A 347 12.22 18.05 1.68
C HIS A 347 13.67 17.75 1.31
N GLN A 348 14.61 18.09 2.26
CA GLN A 348 15.99 17.83 1.95
C GLN A 348 16.34 16.30 2.01
N LEU A 349 15.64 15.59 2.87
CA LEU A 349 15.81 14.08 2.91
C LEU A 349 15.28 13.49 1.61
N ILE A 350 14.06 13.90 1.17
CA ILE A 350 13.38 13.28 0.04
C ILE A 350 13.95 13.70 -1.27
N LEU A 351 14.64 14.89 -1.33
CA LEU A 351 15.38 15.16 -2.55
C LEU A 351 16.44 14.09 -2.83
N ASP A 352 17.09 13.59 -1.74
CA ASP A 352 18.04 12.47 -2.02
C ASP A 352 17.36 11.16 -2.47
N LEU A 353 16.11 10.89 -2.03
CA LEU A 353 15.34 9.76 -2.65
C LEU A 353 15.17 9.96 -4.09
N LEU A 354 14.78 11.19 -4.54
CA LEU A 354 14.63 11.41 -5.95
C LEU A 354 15.92 11.22 -6.76
N ILE A 355 17.00 11.77 -6.12
CA ILE A 355 18.36 11.60 -6.74
C ILE A 355 18.74 10.12 -6.95
N VAL A 356 18.58 9.39 -5.88
CA VAL A 356 18.99 7.94 -5.97
C VAL A 356 18.05 7.21 -6.97
N ALA A 357 16.71 7.48 -6.89
CA ALA A 357 15.83 6.78 -7.87
C ALA A 357 16.19 7.13 -9.29
N HIS A 358 16.41 8.44 -9.55
CA HIS A 358 16.79 8.76 -10.91
C HIS A 358 18.10 8.10 -11.35
N SER A 359 19.09 8.07 -10.44
CA SER A 359 20.35 7.42 -10.78
CA SER A 359 20.35 7.46 -10.84
CA SER A 359 20.39 7.43 -10.72
C SER A 359 20.22 5.94 -11.08
N ARG A 360 19.25 5.27 -10.41
CA ARG A 360 19.00 3.87 -10.65
C ARG A 360 18.09 3.62 -11.82
N GLY A 361 17.70 4.56 -12.61
CA GLY A 361 16.92 4.33 -13.78
C GLY A 361 15.41 4.34 -13.62
N PHE A 362 14.91 4.86 -12.51
CA PHE A 362 13.43 5.03 -12.39
C PHE A 362 12.93 6.15 -13.23
N ASP A 363 11.72 6.06 -13.77
CA ASP A 363 11.11 7.01 -14.63
C ASP A 363 10.26 8.04 -13.90
N VAL A 364 9.71 7.65 -12.73
CA VAL A 364 8.75 8.54 -11.96
C VAL A 364 8.84 8.06 -10.53
N CYS A 365 8.58 8.96 -9.60
CA CYS A 365 8.38 8.63 -8.27
C CYS A 365 6.95 8.94 -7.85
N ASN A 366 6.27 8.02 -7.22
CA ASN A 366 4.82 8.11 -6.89
C ASN A 366 4.59 8.08 -5.39
N MET A 367 3.48 8.65 -4.93
CA MET A 367 3.10 8.49 -3.51
C MET A 367 1.64 8.92 -3.37
N VAL A 368 1.06 8.53 -2.30
CA VAL A 368 -0.27 9.08 -1.87
C VAL A 368 0.04 10.13 -0.87
N GLU A 369 -0.87 11.13 -0.65
CA GLU A 369 -0.66 12.22 0.27
C GLU A 369 -0.85 11.84 1.74
N ILE A 370 -0.40 10.65 2.15
CA ILE A 370 -0.39 10.21 3.56
C ILE A 370 0.90 10.74 4.22
N LEU A 371 1.04 10.38 5.52
CA LEU A 371 2.28 10.81 6.29
C LEU A 371 2.41 12.34 6.20
N ASP A 372 3.62 12.86 6.09
CA ASP A 372 3.81 14.31 5.85
C ASP A 372 4.22 14.52 4.45
N ASN A 373 3.69 13.66 3.48
CA ASN A 373 4.11 13.80 2.09
C ASN A 373 3.72 15.11 1.46
N ARG A 374 2.58 15.71 1.93
CA ARG A 374 2.25 17.11 1.41
C ARG A 374 3.31 18.14 1.70
N SER A 375 4.21 17.89 2.68
CA SER A 375 5.17 18.94 3.06
CA SER A 375 5.21 18.92 3.08
C SER A 375 6.29 19.08 2.09
N PHE A 376 6.41 18.20 1.10
CA PHE A 376 7.47 18.36 0.11
C PHE A 376 6.99 18.33 -1.33
N VAL A 377 5.64 18.33 -1.52
CA VAL A 377 5.09 18.27 -2.90
C VAL A 377 5.61 19.40 -3.75
N GLU A 378 5.42 20.65 -3.27
CA GLU A 378 5.69 21.79 -4.18
CA GLU A 378 5.73 21.88 -4.06
C GLU A 378 7.20 22.03 -4.38
N GLN A 379 7.98 21.92 -3.34
CA GLN A 379 9.39 22.21 -3.58
CA GLN A 379 9.44 22.18 -3.57
C GLN A 379 10.08 21.12 -4.44
N LEU A 380 9.60 19.84 -4.26
CA LEU A 380 10.19 18.75 -5.04
C LEU A 380 9.46 18.48 -6.34
N LYS A 381 8.53 19.35 -6.71
CA LYS A 381 7.94 19.25 -8.04
C LYS A 381 7.11 17.96 -8.26
N PHE A 382 6.46 17.50 -7.22
CA PHE A 382 5.37 16.48 -7.45
C PHE A 382 4.14 17.20 -7.95
N GLY A 383 3.39 16.53 -8.80
CA GLY A 383 2.04 17.01 -9.26
C GLY A 383 1.00 15.95 -9.04
N ALA A 384 -0.24 16.36 -8.68
CA ALA A 384 -1.37 15.42 -8.54
C ALA A 384 -1.65 14.67 -9.83
N GLY A 385 -1.88 13.36 -9.68
CA GLY A 385 -2.36 12.57 -10.85
C GLY A 385 -3.86 12.51 -10.88
N ASP A 386 -4.31 11.52 -11.66
CA ASP A 386 -5.78 11.30 -11.82
C ASP A 386 -6.38 10.29 -10.90
N GLY A 387 -5.61 9.63 -10.06
CA GLY A 387 -6.14 8.57 -9.19
C GLY A 387 -6.18 9.03 -7.71
N HIS A 388 -6.82 8.20 -6.94
CA HIS A 388 -6.93 8.40 -5.47
C HIS A 388 -6.66 7.03 -4.86
N LEU A 389 -6.25 7.04 -3.59
CA LEU A 389 -6.25 5.79 -2.79
C LEU A 389 -7.18 6.05 -1.60
N ARG A 390 -8.11 5.13 -1.41
CA ARG A 390 -9.10 5.14 -0.32
CA ARG A 390 -9.10 5.16 -0.32
C ARG A 390 -8.77 4.04 0.68
N TYR A 391 -8.80 4.38 1.97
CA TYR A 391 -8.49 3.47 3.06
C TYR A 391 -9.76 2.98 3.76
N TYR A 392 -9.80 1.69 4.03
CA TYR A 392 -11.02 1.06 4.58
C TYR A 392 -10.62 0.11 5.68
N PHE A 393 -11.58 -0.13 6.62
CA PHE A 393 -11.46 -1.23 7.56
C PHE A 393 -12.63 -2.19 7.34
N TYR A 394 -12.44 -3.41 7.66
CA TYR A 394 -13.48 -4.41 7.77
C TYR A 394 -13.75 -4.60 9.25
N ASN A 395 -15.03 -4.54 9.59
CA ASN A 395 -15.51 -4.79 11.02
C ASN A 395 -14.85 -3.75 11.98
N TRP A 396 -14.82 -2.52 11.60
CA TRP A 396 -14.27 -1.48 12.52
C TRP A 396 -14.90 -0.18 12.20
N ALA A 397 -15.67 0.42 13.11
CA ALA A 397 -16.15 1.75 12.98
C ALA A 397 -15.02 2.69 13.27
N TYR A 398 -14.86 3.72 12.50
CA TYR A 398 -13.74 4.68 12.65
C TYR A 398 -14.17 6.11 12.13
N PRO A 399 -14.00 7.17 12.92
CA PRO A 399 -14.30 8.53 12.47
C PRO A 399 -13.48 8.91 11.24
N LYS A 400 -14.03 9.69 10.35
CA LYS A 400 -13.31 10.13 9.17
CA LYS A 400 -13.32 10.12 9.17
C LYS A 400 -12.09 10.86 9.60
N ILE A 401 -10.94 10.55 8.99
CA ILE A 401 -9.72 11.29 9.26
C ILE A 401 -9.10 11.83 7.97
N LYS A 402 -8.26 12.84 8.02
CA LYS A 402 -7.52 13.38 6.87
CA LYS A 402 -7.51 13.39 6.88
C LYS A 402 -6.46 12.33 6.50
N PRO A 403 -6.07 12.31 5.20
CA PRO A 403 -5.02 11.30 4.83
C PRO A 403 -3.66 11.61 5.49
N SER A 404 -3.43 12.89 5.86
CA SER A 404 -2.23 13.19 6.60
C SER A 404 -2.27 12.73 8.04
N GLN A 405 -3.28 12.05 8.50
CA GLN A 405 -3.32 11.33 9.78
C GLN A 405 -3.15 9.82 9.64
N VAL A 406 -2.86 9.40 8.36
CA VAL A 406 -2.63 7.95 8.02
C VAL A 406 -1.15 7.72 7.84
N ALA A 407 -0.65 6.68 8.50
CA ALA A 407 0.82 6.36 8.42
C ALA A 407 1.03 4.94 7.89
N LEU A 408 0.01 4.23 7.39
CA LEU A 408 0.18 2.87 6.82
C LEU A 408 0.39 3.00 5.33
N VAL A 409 1.62 2.68 4.88
CA VAL A 409 1.98 2.63 3.41
C VAL A 409 1.52 1.33 2.88
N MET A 410 0.72 1.35 1.81
CA MET A 410 0.32 0.01 1.26
CA MET A 410 0.25 0.12 1.15
C MET A 410 1.12 -0.25 -0.08
N LEU A 411 1.59 -1.45 -0.10
CA LEU A 411 2.38 -1.98 -1.24
C LEU A 411 1.61 -2.29 -2.49
#